data_3LXY
#
_entry.id   3LXY
#
_cell.length_a   75.939
_cell.length_b   88.105
_cell.length_c   100.511
_cell.angle_alpha   90.00
_cell.angle_beta   90.00
_cell.angle_gamma   90.00
#
_symmetry.space_group_name_H-M   'C 2 2 21'
#
loop_
_entity.id
_entity.type
_entity.pdbx_description
1 polymer '4-hydroxythreonine-4-phosphate dehydrogenase'
2 branched beta-D-fructofuranose-(2-1)-alpha-D-glucopyranose
3 non-polymer 'NICKEL (II) ION'
4 non-polymer 'SULFATE ION'
5 water water
#
_entity_poly.entity_id   1
_entity_poly.type   'polypeptide(L)'
_entity_poly.pdbx_seq_one_letter_code
;SNAMHNHNNRLVITPGEPAGVGPDLAITLAQQDWPVELVVCADPALLLARASQLNLPLQLREYQADQPAIAQQAGSLTIL
PVKTAVNVVPGKLDVGNSHYVVETLAKACDGAISGEFAALVTGPVQKSIINDAGIPFIGHTEFFADRSHCQRVVMMLATE
ELRVALATTHLPLLAVPGAITQASLHEVITILDNDLKTKFGITQPQIYVCGLNPHAGEGGHMGHEEIDTIIPALNTLRQQ
GINLIGPLPADTLFQPKYLQHADAVLAMYHDQGLPVLKYQGFGRAVNITLGLPFIRTSVDHGTALELAATGTADVGSFIT
ALNLAIKMINNSNE
;
_entity_poly.pdbx_strand_id   A
#
# COMPACT_ATOMS: atom_id res chain seq x y z
N MET A 4 8.61 -13.56 3.40
CA MET A 4 9.94 -13.71 4.06
C MET A 4 9.69 -14.27 5.48
N HIS A 5 10.41 -15.33 5.87
CA HIS A 5 10.19 -15.94 7.19
C HIS A 5 10.78 -15.08 8.35
N ASN A 6 11.85 -14.31 8.07
CA ASN A 6 12.52 -13.42 9.04
C ASN A 6 12.52 -11.96 8.54
N HIS A 7 12.26 -10.98 9.43
CA HIS A 7 12.40 -9.55 9.09
C HIS A 7 13.36 -8.81 10.04
N ASN A 8 14.21 -7.95 9.46
CA ASN A 8 15.17 -7.14 10.21
C ASN A 8 14.46 -5.87 10.68
N ASN A 9 15.25 -4.92 11.19
CA ASN A 9 14.74 -3.74 11.84
CA ASN A 9 14.71 -3.73 11.84
C ASN A 9 14.98 -2.48 10.99
N ARG A 10 14.94 -2.64 9.67
CA ARG A 10 15.10 -1.54 8.74
C ARG A 10 13.97 -1.48 7.74
N LEU A 11 13.40 -0.30 7.53
CA LEU A 11 12.32 -0.15 6.53
C LEU A 11 12.86 0.79 5.45
N VAL A 12 12.53 0.56 4.17
CA VAL A 12 12.86 1.55 3.16
C VAL A 12 11.58 2.39 2.85
N ILE A 13 11.77 3.69 2.72
CA ILE A 13 10.72 4.67 2.31
C ILE A 13 11.13 5.32 0.96
N THR A 14 10.30 5.24 -0.11
CA THR A 14 10.53 6.03 -1.23
C THR A 14 9.57 7.24 -1.20
N PRO A 15 10.11 8.47 -1.02
CA PRO A 15 9.22 9.66 -1.02
C PRO A 15 8.46 9.89 -2.30
N GLY A 16 9.03 9.41 -3.39
CA GLY A 16 8.37 9.44 -4.66
C GLY A 16 8.68 10.66 -5.54
N GLU A 17 7.67 11.13 -6.26
CA GLU A 17 7.79 12.37 -7.05
C GLU A 17 8.40 13.53 -6.32
N PRO A 18 9.60 14.01 -6.76
CA PRO A 18 10.29 15.03 -5.92
C PRO A 18 9.52 16.34 -5.90
N ALA A 19 8.81 16.66 -7.00
CA ALA A 19 8.02 17.92 -7.02
C ALA A 19 6.74 17.89 -6.14
N GLY A 20 6.34 16.68 -5.75
CA GLY A 20 5.17 16.46 -4.96
C GLY A 20 5.35 16.57 -3.46
N VAL A 21 4.34 16.11 -2.74
CA VAL A 21 4.37 16.23 -1.28
C VAL A 21 5.12 15.07 -0.62
N GLY A 22 5.51 14.03 -1.36
CA GLY A 22 6.18 12.90 -0.65
C GLY A 22 7.38 13.28 0.23
N PRO A 23 8.26 14.15 -0.31
CA PRO A 23 9.36 14.67 0.45
C PRO A 23 8.93 15.43 1.73
N ASP A 24 7.95 16.34 1.59
CA ASP A 24 7.38 17.02 2.78
C ASP A 24 6.96 16.01 3.80
N LEU A 25 6.28 14.97 3.38
CA LEU A 25 5.67 14.02 4.29
C LEU A 25 6.76 13.19 5.02
N ALA A 26 7.81 12.83 4.25
CA ALA A 26 8.96 12.09 4.79
C ALA A 26 9.65 12.92 5.85
N ILE A 27 9.89 14.20 5.55
CA ILE A 27 10.54 15.12 6.48
C ILE A 27 9.69 15.27 7.71
N THR A 28 8.38 15.28 7.51
CA THR A 28 7.44 15.45 8.67
C THR A 28 7.41 14.17 9.53
N LEU A 29 7.29 13.00 8.91
CA LEU A 29 7.45 11.71 9.63
C LEU A 29 8.70 11.68 10.49
N ALA A 30 9.76 12.36 10.03
CA ALA A 30 11.08 12.27 10.62
C ALA A 30 11.13 13.06 11.94
N GLN A 31 10.12 13.89 12.23
CA GLN A 31 10.09 14.69 13.52
C GLN A 31 9.72 13.86 14.74
N GLN A 32 9.51 12.58 14.57
CA GLN A 32 9.40 11.70 15.74
C GLN A 32 10.34 10.53 15.67
N ASP A 33 10.48 9.92 16.85
CA ASP A 33 11.20 8.68 17.04
C ASP A 33 10.44 7.49 16.47
N TRP A 34 11.19 6.51 15.96
CA TRP A 34 10.66 5.28 15.41
C TRP A 34 11.43 4.09 16.02
N PRO A 35 10.77 2.90 16.05
CA PRO A 35 11.41 1.75 16.66
C PRO A 35 12.34 1.03 15.71
N VAL A 36 12.20 1.34 14.40
CA VAL A 36 13.02 0.82 13.36
C VAL A 36 13.90 1.93 12.72
N GLU A 37 14.86 1.51 11.91
CA GLU A 37 15.66 2.44 11.12
C GLU A 37 14.88 2.79 9.87
N LEU A 38 14.73 4.09 9.61
CA LEU A 38 14.08 4.58 8.39
C LEU A 38 15.11 4.93 7.26
N VAL A 39 15.28 4.04 6.31
CA VAL A 39 16.18 4.22 5.20
C VAL A 39 15.34 4.83 4.05
N VAL A 40 15.61 6.11 3.79
CA VAL A 40 14.91 6.86 2.78
C VAL A 40 15.74 6.86 1.51
N CYS A 41 15.19 6.28 0.44
CA CYS A 41 15.84 6.27 -0.82
C CYS A 41 15.36 7.47 -1.63
N ALA A 42 16.23 8.45 -1.75
CA ALA A 42 15.88 9.79 -2.26
C ALA A 42 17.14 10.66 -2.39
N ASP A 43 16.98 11.84 -2.96
CA ASP A 43 18.08 12.77 -3.19
C ASP A 43 18.23 13.51 -1.89
N PRO A 44 19.42 13.50 -1.30
CA PRO A 44 19.54 14.14 0.02
C PRO A 44 19.36 15.69 0.04
N ALA A 45 19.88 16.36 -1.00
CA ALA A 45 19.73 17.83 -1.17
C ALA A 45 18.22 18.22 -1.16
N LEU A 46 17.45 17.42 -1.84
CA LEU A 46 15.98 17.64 -1.91
C LEU A 46 15.36 17.59 -0.56
N LEU A 47 15.67 16.57 0.23
CA LEU A 47 15.04 16.41 1.50
C LEU A 47 15.43 17.56 2.38
N LEU A 48 16.69 17.95 2.37
CA LEU A 48 17.18 19.02 3.26
C LEU A 48 16.59 20.37 2.85
N ALA A 49 16.42 20.57 1.55
CA ALA A 49 15.90 21.81 1.04
C ALA A 49 14.38 21.88 1.32
N ARG A 50 13.68 20.76 1.13
CA ARG A 50 12.26 20.71 1.45
C ARG A 50 12.11 20.96 2.96
N ALA A 51 13.03 20.42 3.77
CA ALA A 51 12.91 20.64 5.25
C ALA A 51 13.07 22.11 5.60
N SER A 52 14.01 22.76 4.92
CA SER A 52 14.18 24.21 5.01
C SER A 52 12.92 24.99 4.57
N GLN A 53 12.38 24.71 3.39
CA GLN A 53 11.13 25.32 2.96
C GLN A 53 10.00 25.16 4.03
N LEU A 54 9.96 24.02 4.72
CA LEU A 54 8.92 23.77 5.73
C LEU A 54 9.31 24.20 7.20
N ASN A 55 10.51 24.76 7.38
CA ASN A 55 11.00 25.14 8.72
CA ASN A 55 11.08 25.11 8.71
C ASN A 55 11.01 24.00 9.74
N LEU A 56 11.43 22.82 9.30
CA LEU A 56 11.62 21.68 10.18
C LEU A 56 13.08 21.22 10.06
N PRO A 57 13.69 20.83 11.19
CA PRO A 57 15.08 20.39 11.20
C PRO A 57 15.24 18.99 10.66
N LEU A 58 16.42 18.72 10.12
CA LEU A 58 16.69 17.43 9.54
C LEU A 58 18.19 17.14 9.36
N GLN A 59 18.65 16.04 9.92
CA GLN A 59 20.01 15.51 9.74
C GLN A 59 19.83 14.17 9.04
N LEU A 60 20.55 13.95 7.95
CA LEU A 60 20.57 12.67 7.27
C LEU A 60 21.80 11.84 7.68
N ARG A 61 21.60 10.56 8.02
CA ARG A 61 22.66 9.64 8.40
C ARG A 61 22.94 8.78 7.27
N GLU A 62 24.20 8.57 6.94
CA GLU A 62 24.48 7.71 5.74
C GLU A 62 24.01 6.29 6.05
N TYR A 63 23.44 5.60 5.04
CA TYR A 63 22.98 4.27 5.22
C TYR A 63 24.21 3.35 5.19
N GLN A 64 24.34 2.52 6.22
CA GLN A 64 25.45 1.56 6.30
C GLN A 64 24.86 0.14 6.41
N ALA A 65 24.75 -0.54 5.27
CA ALA A 65 24.06 -1.84 5.20
C ALA A 65 24.64 -2.89 6.17
N ASP A 66 25.95 -2.84 6.34
CA ASP A 66 26.65 -3.79 7.20
C ASP A 66 26.64 -3.45 8.67
N GLN A 67 26.02 -2.35 9.05
CA GLN A 67 25.87 -2.02 10.46
C GLN A 67 24.53 -2.51 11.02
N PRO A 68 24.42 -2.57 12.38
CA PRO A 68 23.13 -2.87 12.99
C PRO A 68 22.20 -1.69 12.78
N ALA A 69 20.90 -1.97 12.59
CA ALA A 69 19.88 -0.98 12.45
C ALA A 69 19.97 -0.12 13.68
N ILE A 70 19.75 1.17 13.51
CA ILE A 70 19.62 2.09 14.67
C ILE A 70 18.23 2.72 14.60
N ALA A 71 17.45 2.54 15.66
CA ALA A 71 16.07 3.04 15.72
C ALA A 71 16.06 4.53 15.43
N GLN A 72 15.34 4.95 14.40
CA GLN A 72 15.45 6.34 13.94
C GLN A 72 15.02 7.39 14.95
N GLN A 73 15.91 8.36 15.19
CA GLN A 73 15.66 9.39 16.12
C GLN A 73 15.06 10.62 15.47
N ALA A 74 14.19 11.25 16.27
CA ALA A 74 13.47 12.49 15.92
C ALA A 74 14.48 13.46 15.37
N GLY A 75 14.15 14.08 14.25
CA GLY A 75 15.01 15.04 13.57
C GLY A 75 15.99 14.39 12.63
N SER A 76 15.83 13.11 12.37
CA SER A 76 16.68 12.44 11.40
C SER A 76 15.99 11.39 10.56
N LEU A 77 16.67 11.14 9.45
CA LEU A 77 16.41 10.02 8.53
C LEU A 77 17.75 9.36 8.21
N THR A 78 17.70 8.12 7.64
CA THR A 78 18.91 7.43 7.24
C THR A 78 18.82 7.50 5.76
N ILE A 79 19.81 8.10 5.14
CA ILE A 79 19.75 8.26 3.69
C ILE A 79 20.44 7.21 2.82
N LEU A 80 19.70 6.81 1.81
CA LEU A 80 20.24 5.95 0.77
C LEU A 80 20.20 6.82 -0.50
N PRO A 81 21.33 7.49 -0.78
CA PRO A 81 21.24 8.63 -1.64
C PRO A 81 21.18 8.24 -3.07
N VAL A 82 20.27 8.92 -3.75
CA VAL A 82 20.14 8.78 -5.18
C VAL A 82 19.91 10.22 -5.72
N LYS A 83 20.74 10.68 -6.68
CA LYS A 83 20.64 12.06 -7.13
C LYS A 83 19.58 12.36 -8.18
N THR A 84 18.92 13.48 -8.01
CA THR A 84 18.11 14.02 -9.07
C THR A 84 19.05 14.49 -10.21
N ALA A 85 18.53 14.49 -11.41
CA ALA A 85 19.28 14.92 -12.57
C ALA A 85 19.13 16.44 -12.78
N VAL A 86 18.00 17.01 -12.38
CA VAL A 86 17.73 18.42 -12.55
C VAL A 86 17.26 18.98 -11.21
N ASN A 87 17.36 20.30 -11.12
CA ASN A 87 16.88 21.07 -9.96
CA ASN A 87 16.90 21.02 -9.92
C ASN A 87 15.39 20.79 -9.74
N VAL A 88 14.97 20.65 -8.50
CA VAL A 88 13.57 20.43 -8.20
C VAL A 88 12.88 21.70 -7.69
N VAL A 89 11.73 21.96 -8.29
CA VAL A 89 10.90 23.10 -7.95
C VAL A 89 9.57 22.55 -7.46
N PRO A 90 9.24 22.80 -6.19
CA PRO A 90 8.03 22.19 -5.70
C PRO A 90 6.81 22.56 -6.52
N GLY A 91 5.97 21.59 -6.78
CA GLY A 91 4.75 21.84 -7.52
C GLY A 91 4.93 21.72 -9.01
N LYS A 92 6.18 21.70 -9.49
CA LYS A 92 6.39 21.64 -10.95
C LYS A 92 7.00 20.32 -11.45
N LEU A 93 6.21 19.56 -12.19
CA LEU A 93 6.67 18.31 -12.72
C LEU A 93 7.83 18.61 -13.68
N ASP A 94 8.83 17.74 -13.66
CA ASP A 94 9.97 17.82 -14.57
C ASP A 94 10.45 16.47 -14.99
N VAL A 95 10.24 16.18 -16.29
CA VAL A 95 10.61 14.92 -16.95
C VAL A 95 12.07 14.54 -16.68
N GLY A 96 12.91 15.56 -16.49
CA GLY A 96 14.30 15.35 -16.18
C GLY A 96 14.55 14.48 -14.94
N ASN A 97 13.57 14.38 -14.05
CA ASN A 97 13.74 13.67 -12.76
C ASN A 97 13.01 12.34 -12.61
N SER A 98 12.41 11.89 -13.70
CA SER A 98 11.62 10.68 -13.68
C SER A 98 12.52 9.44 -13.62
N HIS A 99 13.68 9.47 -14.29
CA HIS A 99 14.61 8.39 -14.19
C HIS A 99 15.03 8.21 -12.77
N TYR A 100 15.20 9.32 -12.08
CA TYR A 100 15.50 9.35 -10.64
C TYR A 100 14.43 8.71 -9.76
N VAL A 101 13.18 9.02 -10.05
CA VAL A 101 12.05 8.45 -9.28
C VAL A 101 12.09 6.92 -9.39
N VAL A 102 12.11 6.43 -10.66
CA VAL A 102 12.09 4.99 -10.96
C VAL A 102 13.34 4.21 -10.43
N GLU A 103 14.48 4.90 -10.43
CA GLU A 103 15.70 4.40 -9.86
C GLU A 103 15.53 4.17 -8.30
N THR A 104 14.85 5.07 -7.60
CA THR A 104 14.65 4.93 -6.20
C THR A 104 13.68 3.78 -5.89
N LEU A 105 12.70 3.60 -6.76
CA LEU A 105 11.82 2.41 -6.71
C LEU A 105 12.58 1.07 -6.93
N ALA A 106 13.32 0.95 -8.04
CA ALA A 106 14.22 -0.21 -8.33
C ALA A 106 15.03 -0.60 -7.13
N LYS A 107 15.68 0.39 -6.52
CA LYS A 107 16.62 0.13 -5.41
C LYS A 107 15.89 -0.36 -4.17
N ALA A 108 14.77 0.27 -3.88
CA ALA A 108 14.00 -0.05 -2.74
C ALA A 108 13.39 -1.45 -2.91
N CYS A 109 12.93 -1.75 -4.14
CA CYS A 109 12.30 -3.01 -4.45
C CYS A 109 13.33 -4.17 -4.33
N ASP A 110 14.50 -3.99 -4.93
CA ASP A 110 15.60 -4.97 -4.83
C ASP A 110 15.96 -5.34 -3.43
N GLY A 111 16.00 -4.33 -2.58
CA GLY A 111 16.22 -4.51 -1.13
C GLY A 111 15.12 -5.25 -0.38
N ALA A 112 13.88 -4.93 -0.72
CA ALA A 112 12.75 -5.57 -0.08
C ALA A 112 12.69 -7.04 -0.47
N ILE A 113 13.00 -7.31 -1.72
CA ILE A 113 13.07 -8.66 -2.24
C ILE A 113 14.09 -9.50 -1.42
N SER A 114 15.28 -8.98 -1.22
CA SER A 114 16.36 -9.79 -0.68
C SER A 114 16.21 -9.93 0.83
N GLY A 115 15.48 -8.98 1.41
CA GLY A 115 15.34 -8.92 2.84
C GLY A 115 16.31 -7.92 3.41
N GLU A 116 17.12 -7.29 2.57
CA GLU A 116 17.91 -6.13 3.07
C GLU A 116 17.05 -5.10 3.80
N PHE A 117 15.83 -4.89 3.28
CA PHE A 117 14.82 -4.07 3.89
C PHE A 117 13.61 -4.89 4.34
N ALA A 118 13.12 -4.68 5.55
CA ALA A 118 12.01 -5.47 6.10
C ALA A 118 10.63 -5.15 5.52
N ALA A 119 10.46 -3.95 5.00
CA ALA A 119 9.19 -3.51 4.38
C ALA A 119 9.49 -2.35 3.44
N LEU A 120 8.65 -2.16 2.40
CA LEU A 120 8.74 -0.97 1.53
C LEU A 120 7.53 -0.09 1.68
N VAL A 121 7.70 1.17 2.10
CA VAL A 121 6.60 2.15 2.24
C VAL A 121 6.77 3.27 1.23
N THR A 122 5.73 3.51 0.44
CA THR A 122 5.86 4.42 -0.66
C THR A 122 4.99 5.69 -0.53
N GLY A 123 5.63 6.81 -0.83
CA GLY A 123 4.96 8.05 -1.08
C GLY A 123 4.50 8.11 -2.53
N PRO A 124 3.81 9.20 -2.90
CA PRO A 124 3.15 9.26 -4.13
C PRO A 124 4.09 9.48 -5.32
N VAL A 125 3.79 8.87 -6.46
CA VAL A 125 4.44 9.18 -7.69
C VAL A 125 3.44 9.61 -8.75
N GLN A 126 3.94 10.25 -9.79
CA GLN A 126 3.07 10.70 -10.90
C GLN A 126 3.40 9.98 -12.19
N LYS A 127 2.45 9.16 -12.63
CA LYS A 127 2.57 8.29 -13.78
C LYS A 127 2.84 9.09 -15.02
N SER A 128 2.15 10.20 -15.17
CA SER A 128 2.25 10.93 -16.48
C SER A 128 3.67 11.38 -16.78
N ILE A 129 4.36 11.95 -15.80
CA ILE A 129 5.75 12.50 -16.00
C ILE A 129 6.79 11.40 -16.19
N ILE A 130 6.56 10.22 -15.62
CA ILE A 130 7.39 9.06 -15.78
C ILE A 130 7.24 8.59 -17.20
N ASN A 131 6.00 8.48 -17.63
CA ASN A 131 5.73 8.09 -19.04
C ASN A 131 6.27 9.10 -20.05
N ASP A 132 6.20 10.40 -19.69
CA ASP A 132 6.66 11.45 -20.60
C ASP A 132 8.15 11.37 -20.85
N ALA A 133 8.86 10.71 -19.92
CA ALA A 133 10.30 10.47 -20.02
C ALA A 133 10.60 9.19 -20.76
N GLY A 134 9.58 8.57 -21.36
CA GLY A 134 9.72 7.30 -22.06
C GLY A 134 9.87 6.03 -21.25
N ILE A 135 9.40 6.03 -19.99
CA ILE A 135 9.54 4.89 -19.10
C ILE A 135 8.19 4.22 -18.88
N PRO A 136 8.07 2.93 -19.22
CA PRO A 136 6.80 2.24 -18.99
C PRO A 136 6.45 2.25 -17.51
N PHE A 137 5.25 2.72 -17.20
CA PHE A 137 4.80 2.83 -15.81
C PHE A 137 3.28 3.03 -15.75
N ILE A 138 2.67 2.28 -14.84
CA ILE A 138 1.29 2.45 -14.52
C ILE A 138 1.32 2.89 -13.03
N GLY A 139 1.61 1.96 -12.12
CA GLY A 139 1.75 2.34 -10.70
C GLY A 139 2.85 1.57 -10.06
N HIS A 140 3.06 1.84 -8.76
CA HIS A 140 4.04 1.10 -7.96
C HIS A 140 3.76 -0.40 -8.03
N THR A 141 2.47 -0.75 -8.02
CA THR A 141 2.04 -2.15 -7.93
C THR A 141 2.57 -2.94 -9.12
N GLU A 142 2.38 -2.46 -10.33
CA GLU A 142 2.83 -3.22 -11.49
C GLU A 142 4.36 -3.22 -11.58
N PHE A 143 4.99 -2.11 -11.22
CA PHE A 143 6.43 -2.05 -11.27
C PHE A 143 7.06 -3.04 -10.26
N PHE A 144 6.56 -3.06 -9.02
CA PHE A 144 7.04 -4.01 -8.07
C PHE A 144 6.67 -5.49 -8.43
N ALA A 145 5.45 -5.73 -8.86
CA ALA A 145 5.01 -7.07 -9.29
C ALA A 145 5.92 -7.58 -10.39
N ASP A 146 6.16 -6.78 -11.41
CA ASP A 146 6.96 -7.24 -12.54
C ASP A 146 8.44 -7.47 -12.15
N ARG A 147 8.94 -6.63 -11.26
CA ARG A 147 10.34 -6.71 -10.88
C ARG A 147 10.54 -7.91 -9.91
N SER A 148 9.50 -8.22 -9.15
CA SER A 148 9.41 -9.35 -8.24
C SER A 148 9.13 -10.68 -8.91
N HIS A 149 8.72 -10.63 -10.16
CA HIS A 149 8.23 -11.81 -10.89
C HIS A 149 7.02 -12.41 -10.18
N CYS A 150 6.20 -11.52 -9.62
CA CYS A 150 5.05 -11.89 -8.85
C CYS A 150 3.86 -11.93 -9.84
N GLN A 151 3.30 -13.13 -10.01
CA GLN A 151 2.21 -13.33 -10.96
C GLN A 151 0.82 -12.78 -10.57
N ARG A 152 0.50 -12.68 -9.28
CA ARG A 152 -0.80 -12.07 -8.90
C ARG A 152 -0.70 -11.33 -7.59
N VAL A 153 -1.29 -10.16 -7.57
CA VAL A 153 -1.29 -9.33 -6.38
C VAL A 153 -2.75 -9.07 -6.10
N VAL A 154 -3.02 -8.74 -4.85
CA VAL A 154 -4.33 -8.35 -4.43
C VAL A 154 -4.24 -7.00 -3.70
N MET A 155 -5.10 -6.06 -4.09
CA MET A 155 -5.16 -4.72 -3.46
C MET A 155 -5.99 -4.75 -2.18
N MET A 156 -5.44 -4.18 -1.12
CA MET A 156 -6.20 -3.98 0.07
C MET A 156 -6.08 -2.52 0.48
N LEU A 157 -7.19 -1.95 0.94
CA LEU A 157 -7.19 -0.66 1.60
C LEU A 157 -7.53 -0.93 3.02
N ALA A 158 -6.81 -0.31 3.93
CA ALA A 158 -7.00 -0.64 5.31
C ALA A 158 -6.83 0.56 6.21
N THR A 159 -7.60 0.61 7.28
CA THR A 159 -7.28 1.58 8.31
C THR A 159 -6.85 0.84 9.54
N GLU A 160 -6.50 1.57 10.61
CA GLU A 160 -6.21 0.91 11.88
C GLU A 160 -7.33 -0.05 12.28
N GLU A 161 -8.59 0.23 11.91
CA GLU A 161 -9.74 -0.62 12.31
C GLU A 161 -10.47 -1.54 11.30
N LEU A 162 -10.13 -1.52 10.02
CA LEU A 162 -10.95 -2.18 9.01
C LEU A 162 -10.10 -2.49 7.75
N ARG A 163 -10.22 -3.69 7.16
CA ARG A 163 -9.46 -4.03 6.01
C ARG A 163 -10.33 -4.55 4.90
N VAL A 164 -10.24 -3.93 3.72
CA VAL A 164 -11.04 -4.41 2.59
C VAL A 164 -10.12 -4.78 1.53
N ALA A 165 -10.31 -5.98 1.00
CA ALA A 165 -9.63 -6.40 -0.18
C ALA A 165 -10.62 -6.45 -1.31
N LEU A 166 -10.11 -6.36 -2.52
CA LEU A 166 -10.97 -6.31 -3.69
C LEU A 166 -10.73 -7.50 -4.59
N ALA A 167 -11.81 -8.10 -5.04
CA ALA A 167 -11.74 -9.22 -5.97
C ALA A 167 -11.45 -8.71 -7.37
N THR A 168 -11.84 -7.46 -7.64
CA THR A 168 -11.65 -6.80 -8.95
C THR A 168 -11.35 -5.35 -8.70
N THR A 169 -10.61 -4.70 -9.60
CA THR A 169 -10.20 -3.34 -9.29
C THR A 169 -10.67 -2.29 -10.33
N HIS A 170 -9.78 -1.82 -11.20
CA HIS A 170 -10.11 -0.69 -12.05
C HIS A 170 -10.61 -1.17 -13.37
N LEU A 171 -11.87 -1.60 -13.32
CA LEU A 171 -12.61 -2.15 -14.47
C LEU A 171 -13.85 -1.31 -14.55
N PRO A 172 -14.39 -1.10 -15.75
CA PRO A 172 -15.71 -0.56 -15.86
C PRO A 172 -16.73 -1.51 -15.21
N LEU A 173 -17.81 -0.98 -14.68
CA LEU A 173 -18.82 -1.82 -14.03
C LEU A 173 -19.35 -2.90 -14.96
N LEU A 174 -19.52 -2.61 -16.25
CA LEU A 174 -19.92 -3.65 -17.19
C LEU A 174 -19.05 -4.92 -17.14
N ALA A 175 -17.76 -4.78 -16.86
CA ALA A 175 -16.80 -5.87 -16.93
C ALA A 175 -16.69 -6.68 -15.63
N VAL A 176 -17.23 -6.13 -14.55
CA VAL A 176 -17.07 -6.78 -13.24
C VAL A 176 -17.67 -8.21 -13.15
N PRO A 177 -18.96 -8.39 -13.55
CA PRO A 177 -19.48 -9.72 -13.38
C PRO A 177 -18.74 -10.81 -14.12
N GLY A 178 -18.35 -10.56 -15.37
CA GLY A 178 -17.51 -11.48 -16.14
C GLY A 178 -16.11 -11.76 -15.60
N ALA A 179 -15.60 -10.84 -14.81
CA ALA A 179 -14.24 -10.92 -14.29
C ALA A 179 -14.16 -11.74 -13.00
N ILE A 180 -15.31 -11.99 -12.38
CA ILE A 180 -15.38 -12.86 -11.21
C ILE A 180 -15.61 -14.33 -11.61
N THR A 181 -14.59 -15.14 -11.42
CA THR A 181 -14.68 -16.54 -11.71
C THR A 181 -14.34 -17.35 -10.44
N GLN A 182 -14.59 -18.65 -10.47
CA GLN A 182 -14.13 -19.51 -9.39
C GLN A 182 -12.61 -19.47 -9.30
N ALA A 183 -11.94 -19.53 -10.45
CA ALA A 183 -10.49 -19.46 -10.52
C ALA A 183 -10.01 -18.16 -9.92
N SER A 184 -10.62 -17.05 -10.31
CA SER A 184 -10.14 -15.74 -9.84
C SER A 184 -10.34 -15.60 -8.36
N LEU A 185 -11.47 -16.07 -7.86
CA LEU A 185 -11.74 -15.95 -6.43
C LEU A 185 -10.83 -16.87 -5.63
N HIS A 186 -10.56 -18.06 -6.16
CA HIS A 186 -9.61 -19.00 -5.52
C HIS A 186 -8.25 -18.33 -5.30
N GLU A 187 -7.76 -17.67 -6.32
CA GLU A 187 -6.44 -17.03 -6.27
C GLU A 187 -6.40 -15.87 -5.32
N VAL A 188 -7.41 -15.00 -5.46
CA VAL A 188 -7.50 -13.82 -4.59
C VAL A 188 -7.64 -14.18 -3.12
N ILE A 189 -8.58 -15.06 -2.76
CA ILE A 189 -8.78 -15.47 -1.36
C ILE A 189 -7.54 -16.23 -0.79
N THR A 190 -6.87 -17.05 -1.62
CA THR A 190 -5.66 -17.80 -1.14
C THR A 190 -4.61 -16.81 -0.70
N ILE A 191 -4.39 -15.79 -1.56
CA ILE A 191 -3.42 -14.74 -1.26
C ILE A 191 -3.84 -13.98 -0.05
N LEU A 192 -5.13 -13.66 0.03
CA LEU A 192 -5.62 -12.82 1.13
C LEU A 192 -5.45 -13.54 2.44
N ASP A 193 -5.91 -14.79 2.51
CA ASP A 193 -5.76 -15.65 3.68
C ASP A 193 -4.27 -15.84 4.01
N ASN A 194 -3.47 -16.22 3.02
CA ASN A 194 -2.01 -16.39 3.24
C ASN A 194 -1.37 -15.15 3.87
N ASP A 195 -1.66 -13.95 3.34
CA ASP A 195 -1.04 -12.73 3.91
C ASP A 195 -1.60 -12.30 5.21
N LEU A 196 -2.90 -12.51 5.45
CA LEU A 196 -3.38 -12.23 6.83
C LEU A 196 -2.58 -13.01 7.95
N LYS A 197 -2.25 -14.25 7.64
CA LYS A 197 -1.46 -15.13 8.51
C LYS A 197 0.02 -14.69 8.59
N THR A 198 0.64 -14.51 7.43
CA THR A 198 2.11 -14.34 7.29
C THR A 198 2.55 -12.88 7.44
N LYS A 199 1.66 -11.95 7.09
CA LYS A 199 2.00 -10.50 7.13
C LYS A 199 1.33 -9.83 8.28
N PHE A 200 0.05 -10.14 8.55
CA PHE A 200 -0.65 -9.49 9.68
C PHE A 200 -0.62 -10.30 10.98
N GLY A 201 -0.09 -11.53 10.89
CA GLY A 201 0.06 -12.40 12.06
C GLY A 201 -1.27 -12.81 12.70
N ILE A 202 -2.28 -13.05 11.87
CA ILE A 202 -3.57 -13.55 12.37
C ILE A 202 -3.61 -15.04 12.07
N THR A 203 -3.64 -15.89 13.10
CA THR A 203 -3.37 -17.32 12.82
C THR A 203 -4.52 -18.02 12.08
N GLN A 204 -5.74 -17.56 12.34
CA GLN A 204 -6.92 -18.14 11.75
C GLN A 204 -7.87 -17.01 11.32
N PRO A 205 -7.52 -16.30 10.22
CA PRO A 205 -8.28 -15.15 9.76
C PRO A 205 -9.73 -15.50 9.45
N GLN A 206 -10.62 -14.65 9.93
CA GLN A 206 -12.03 -14.69 9.58
C GLN A 206 -12.30 -13.72 8.46
N ILE A 207 -12.49 -14.25 7.28
CA ILE A 207 -12.69 -13.45 6.10
C ILE A 207 -14.20 -13.46 5.78
N TYR A 208 -14.77 -12.26 5.66
CA TYR A 208 -16.16 -12.01 5.34
C TYR A 208 -16.24 -11.51 3.92
N VAL A 209 -17.15 -12.10 3.15
CA VAL A 209 -17.26 -11.93 1.70
C VAL A 209 -18.59 -11.33 1.26
N CYS A 210 -18.51 -10.24 0.49
CA CYS A 210 -19.66 -9.63 -0.13
C CYS A 210 -20.18 -10.43 -1.27
N GLY A 211 -21.51 -10.49 -1.43
CA GLY A 211 -22.00 -10.95 -2.74
C GLY A 211 -21.65 -9.94 -3.80
N LEU A 212 -21.80 -10.35 -5.06
CA LEU A 212 -21.66 -9.47 -6.20
C LEU A 212 -22.88 -8.57 -6.42
N ASN A 213 -24.05 -9.15 -6.21
CA ASN A 213 -25.32 -8.53 -6.49
C ASN A 213 -25.92 -7.92 -5.27
N PRO A 214 -26.84 -6.94 -5.44
CA PRO A 214 -27.47 -6.42 -4.20
C PRO A 214 -28.18 -7.61 -3.43
N HIS A 215 -28.18 -7.59 -2.12
CA HIS A 215 -28.81 -8.65 -1.30
C HIS A 215 -28.19 -10.04 -1.57
N ALA A 216 -26.92 -10.05 -2.00
CA ALA A 216 -26.19 -11.24 -2.41
C ALA A 216 -27.07 -12.09 -3.31
N GLY A 217 -27.83 -11.43 -4.14
CA GLY A 217 -28.54 -12.16 -5.24
C GLY A 217 -29.93 -12.61 -4.82
N GLU A 218 -30.26 -12.44 -3.54
CA GLU A 218 -31.61 -12.79 -3.01
C GLU A 218 -32.17 -14.10 -3.58
N GLY A 219 -31.39 -15.17 -3.44
CA GLY A 219 -31.87 -16.50 -3.72
C GLY A 219 -31.97 -16.71 -5.19
N GLY A 220 -31.19 -15.96 -5.97
CA GLY A 220 -31.30 -16.08 -7.43
C GLY A 220 -32.29 -15.11 -8.04
N HIS A 221 -33.02 -14.33 -7.23
CA HIS A 221 -34.04 -13.40 -7.72
C HIS A 221 -33.48 -12.00 -8.12
N MET A 222 -32.21 -11.80 -7.87
CA MET A 222 -31.58 -10.51 -8.11
C MET A 222 -30.14 -10.80 -8.61
N GLY A 223 -30.04 -11.77 -9.53
CA GLY A 223 -28.74 -12.27 -10.05
C GLY A 223 -28.36 -13.70 -9.64
N HIS A 224 -27.57 -14.37 -10.47
CA HIS A 224 -27.20 -15.78 -10.33
C HIS A 224 -25.75 -16.05 -9.95
N GLU A 225 -24.91 -15.01 -9.89
CA GLU A 225 -23.46 -15.19 -9.64
C GLU A 225 -23.13 -15.76 -8.28
N GLU A 226 -23.91 -15.43 -7.26
CA GLU A 226 -23.67 -16.04 -5.96
C GLU A 226 -23.84 -17.57 -6.02
N ILE A 227 -24.92 -18.03 -6.66
CA ILE A 227 -25.27 -19.43 -6.75
C ILE A 227 -24.34 -20.17 -7.71
N ASP A 228 -24.10 -19.64 -8.90
CA ASP A 228 -23.29 -20.34 -9.89
C ASP A 228 -21.78 -20.31 -9.65
N THR A 229 -21.27 -19.33 -8.91
CA THR A 229 -19.80 -18.99 -8.93
C THR A 229 -19.25 -18.73 -7.57
N ILE A 230 -19.82 -17.78 -6.86
CA ILE A 230 -19.24 -17.39 -5.55
C ILE A 230 -19.36 -18.49 -4.49
N ILE A 231 -20.56 -19.00 -4.28
CA ILE A 231 -20.80 -20.01 -3.28
C ILE A 231 -19.92 -21.27 -3.51
N PRO A 232 -19.88 -21.81 -4.76
CA PRO A 232 -19.08 -22.96 -4.97
C PRO A 232 -17.60 -22.72 -4.73
N ALA A 233 -17.12 -21.49 -5.00
CA ALA A 233 -15.73 -21.14 -4.85
C ALA A 233 -15.40 -21.07 -3.36
N LEU A 234 -16.30 -20.48 -2.61
CA LEU A 234 -16.08 -20.38 -1.20
C LEU A 234 -16.08 -21.76 -0.55
N ASN A 235 -16.98 -22.61 -1.00
CA ASN A 235 -17.01 -23.98 -0.44
C ASN A 235 -15.73 -24.79 -0.73
N THR A 236 -15.19 -24.68 -1.94
CA THR A 236 -13.91 -25.28 -2.22
C THR A 236 -12.79 -24.77 -1.31
N LEU A 237 -12.78 -23.45 -1.09
CA LEU A 237 -11.79 -22.85 -0.22
C LEU A 237 -11.99 -23.25 1.23
N ARG A 238 -13.25 -23.41 1.66
CA ARG A 238 -13.48 -23.79 3.05
C ARG A 238 -12.95 -25.24 3.28
N GLN A 239 -13.02 -26.06 2.25
CA GLN A 239 -12.48 -27.42 2.26
C GLN A 239 -10.97 -27.43 2.46
N GLN A 240 -10.30 -26.36 1.98
CA GLN A 240 -8.85 -26.21 2.12
C GLN A 240 -8.53 -25.54 3.44
N GLY A 241 -9.55 -25.25 4.23
CA GLY A 241 -9.33 -24.71 5.56
C GLY A 241 -9.44 -23.22 5.71
N ILE A 242 -9.81 -22.50 4.66
CA ILE A 242 -9.95 -21.02 4.78
C ILE A 242 -11.29 -20.65 5.45
N ASN A 243 -11.25 -19.89 6.54
CA ASN A 243 -12.45 -19.53 7.26
C ASN A 243 -13.16 -18.32 6.60
N LEU A 244 -14.26 -18.66 5.95
CA LEU A 244 -15.02 -17.74 5.17
C LEU A 244 -16.51 -17.68 5.53
N ILE A 245 -16.98 -16.45 5.81
CA ILE A 245 -18.39 -16.18 6.07
C ILE A 245 -18.97 -15.39 4.87
N GLY A 246 -20.03 -15.92 4.24
CA GLY A 246 -20.72 -15.20 3.24
C GLY A 246 -21.05 -16.16 2.15
N PRO A 247 -21.43 -15.67 0.97
CA PRO A 247 -21.46 -14.20 0.69
C PRO A 247 -22.62 -13.48 1.41
N LEU A 248 -22.33 -12.30 1.93
CA LEU A 248 -23.30 -11.44 2.58
C LEU A 248 -23.63 -10.17 1.73
N PRO A 249 -24.87 -9.65 1.89
CA PRO A 249 -25.14 -8.33 1.31
C PRO A 249 -24.18 -7.32 1.82
N ALA A 250 -23.64 -6.55 0.89
CA ALA A 250 -22.72 -5.49 1.25
C ALA A 250 -23.29 -4.52 2.28
N ASP A 251 -24.57 -4.15 2.13
CA ASP A 251 -25.21 -3.22 3.06
C ASP A 251 -25.70 -3.85 4.37
N THR A 252 -25.49 -5.15 4.52
CA THR A 252 -25.52 -5.79 5.83
C THR A 252 -24.13 -5.81 6.45
N LEU A 253 -23.16 -6.28 5.64
CA LEU A 253 -21.82 -6.61 6.13
C LEU A 253 -21.13 -5.38 6.63
N PHE A 254 -21.35 -4.27 5.95
CA PHE A 254 -20.64 -3.07 6.34
C PHE A 254 -21.27 -2.33 7.50
N GLN A 255 -22.17 -2.96 8.22
CA GLN A 255 -22.58 -2.40 9.54
C GLN A 255 -21.53 -2.80 10.56
N PRO A 256 -21.15 -1.85 11.46
CA PRO A 256 -20.19 -2.07 12.51
C PRO A 256 -20.44 -3.31 13.33
N LYS A 257 -21.69 -3.66 13.53
CA LYS A 257 -22.03 -4.78 14.42
C LYS A 257 -21.56 -6.08 13.81
N TYR A 258 -21.46 -6.14 12.47
CA TYR A 258 -20.88 -7.28 11.79
C TYR A 258 -19.40 -7.08 11.46
N LEU A 259 -19.02 -5.87 10.99
CA LEU A 259 -17.64 -5.57 10.67
C LEU A 259 -16.69 -5.91 11.75
N GLN A 260 -17.10 -5.64 12.99
CA GLN A 260 -16.24 -5.86 14.12
C GLN A 260 -15.76 -7.33 14.21
N HIS A 261 -16.49 -8.26 13.57
CA HIS A 261 -16.12 -9.68 13.59
C HIS A 261 -15.13 -10.08 12.50
N ALA A 262 -14.97 -9.26 11.45
CA ALA A 262 -14.15 -9.59 10.30
C ALA A 262 -12.70 -9.14 10.52
N ASP A 263 -11.79 -10.03 10.15
CA ASP A 263 -10.37 -9.68 10.03
C ASP A 263 -10.13 -8.98 8.69
N ALA A 264 -10.82 -9.41 7.63
CA ALA A 264 -10.83 -8.66 6.37
C ALA A 264 -12.17 -8.88 5.68
N VAL A 265 -12.63 -7.91 4.87
CA VAL A 265 -13.80 -8.07 4.02
C VAL A 265 -13.31 -8.16 2.59
N LEU A 266 -13.85 -9.10 1.85
CA LEU A 266 -13.57 -9.14 0.43
C LEU A 266 -14.79 -8.57 -0.30
N ALA A 267 -14.63 -7.38 -0.90
CA ALA A 267 -15.66 -6.76 -1.75
C ALA A 267 -15.44 -7.36 -3.14
N MET A 268 -16.48 -7.53 -3.92
CA MET A 268 -16.30 -8.00 -5.26
C MET A 268 -15.75 -6.97 -6.26
N TYR A 269 -15.95 -5.68 -5.99
CA TYR A 269 -15.55 -4.62 -6.90
C TYR A 269 -15.32 -3.32 -6.15
N HIS A 270 -14.57 -2.47 -6.81
CA HIS A 270 -14.01 -1.22 -6.26
C HIS A 270 -14.96 -0.35 -5.42
N ASP A 271 -16.06 0.09 -6.02
CA ASP A 271 -17.00 0.97 -5.35
C ASP A 271 -17.91 0.24 -4.29
N GLN A 272 -17.83 -1.10 -4.19
CA GLN A 272 -18.60 -1.82 -3.19
C GLN A 272 -17.89 -1.75 -1.88
N GLY A 273 -16.58 -1.60 -1.95
CA GLY A 273 -15.71 -1.76 -0.81
C GLY A 273 -15.04 -0.48 -0.39
N LEU A 274 -14.58 0.32 -1.37
CA LEU A 274 -13.79 1.48 -0.95
C LEU A 274 -14.52 2.63 -0.26
N PRO A 275 -15.76 2.94 -0.68
CA PRO A 275 -16.45 4.07 -0.08
C PRO A 275 -16.55 4.05 1.45
N VAL A 276 -16.93 2.89 2.02
CA VAL A 276 -17.00 2.78 3.47
C VAL A 276 -15.65 3.04 4.12
N LEU A 277 -14.60 2.49 3.53
CA LEU A 277 -13.27 2.63 4.09
C LEU A 277 -12.85 4.10 4.08
N LYS A 278 -13.10 4.78 2.97
CA LYS A 278 -12.75 6.19 2.85
C LYS A 278 -13.61 7.03 3.78
N TYR A 279 -14.91 6.68 3.88
CA TYR A 279 -15.78 7.39 4.80
C TYR A 279 -15.19 7.36 6.23
N GLN A 280 -14.76 6.17 6.69
CA GLN A 280 -14.36 6.03 8.10
C GLN A 280 -12.88 6.29 8.29
N GLY A 281 -12.18 6.48 7.19
CA GLY A 281 -10.74 6.56 7.19
C GLY A 281 -10.15 7.85 7.71
N PHE A 282 -10.91 8.95 7.67
CA PHE A 282 -10.42 10.23 8.20
C PHE A 282 -9.12 10.54 7.47
N GLY A 283 -9.09 10.23 6.17
CA GLY A 283 -7.87 10.42 5.41
C GLY A 283 -6.62 9.69 5.89
N ARG A 284 -6.78 8.62 6.69
CA ARG A 284 -5.60 7.84 7.15
C ARG A 284 -5.62 6.43 6.57
N ALA A 285 -6.26 6.26 5.41
CA ALA A 285 -6.32 4.96 4.76
C ALA A 285 -4.98 4.65 4.08
N VAL A 286 -4.65 3.35 4.06
CA VAL A 286 -3.37 2.85 3.57
C VAL A 286 -3.64 1.77 2.55
N ASN A 287 -2.96 1.86 1.43
CA ASN A 287 -2.99 0.84 0.42
CA ASN A 287 -2.97 0.83 0.42
C ASN A 287 -1.90 -0.21 0.79
N ILE A 288 -2.28 -1.49 0.81
CA ILE A 288 -1.36 -2.58 1.11
C ILE A 288 -1.44 -3.52 -0.04
N THR A 289 -0.30 -3.79 -0.66
CA THR A 289 -0.23 -4.69 -1.78
C THR A 289 0.06 -6.11 -1.30
N LEU A 290 -0.94 -6.98 -1.41
CA LEU A 290 -0.79 -8.39 -1.02
C LEU A 290 -0.25 -9.20 -2.21
N GLY A 291 0.43 -10.31 -1.92
CA GLY A 291 0.88 -11.28 -2.93
C GLY A 291 2.32 -11.06 -3.33
N LEU A 292 2.85 -9.86 -3.08
CA LEU A 292 4.27 -9.58 -3.27
C LEU A 292 5.13 -10.36 -2.25
N PRO A 293 6.40 -10.60 -2.60
CA PRO A 293 7.24 -11.39 -1.73
C PRO A 293 7.87 -10.56 -0.64
N PHE A 294 7.22 -9.46 -0.33
CA PHE A 294 7.67 -8.62 0.79
C PHE A 294 6.51 -7.75 1.18
N ILE A 295 6.59 -7.11 2.34
CA ILE A 295 5.60 -6.19 2.83
C ILE A 295 5.76 -4.82 2.15
N ARG A 296 4.66 -4.39 1.50
CA ARG A 296 4.58 -3.09 0.91
C ARG A 296 3.30 -2.37 1.26
N THR A 297 3.46 -1.20 1.89
CA THR A 297 2.38 -0.27 2.22
C THR A 297 2.56 1.08 1.51
N SER A 298 1.50 1.88 1.45
CA SER A 298 1.51 3.08 0.65
C SER A 298 0.49 4.06 1.08
N VAL A 299 0.75 5.32 0.74
CA VAL A 299 -0.23 6.35 0.88
C VAL A 299 -1.33 6.00 -0.09
N ASP A 300 -2.54 6.47 0.22
CA ASP A 300 -3.70 6.34 -0.69
C ASP A 300 -4.10 7.68 -1.25
N HIS A 301 -3.16 8.59 -1.35
CA HIS A 301 -3.40 9.84 -2.07
C HIS A 301 -2.33 10.05 -3.10
N GLY A 302 -2.50 11.07 -3.94
CA GLY A 302 -1.58 11.40 -4.97
C GLY A 302 -0.46 12.34 -4.58
N THR A 303 0.21 12.86 -5.60
CA THR A 303 1.35 13.77 -5.42
C THR A 303 1.01 15.16 -4.80
N ALA A 304 -0.28 15.54 -4.86
CA ALA A 304 -0.77 16.83 -4.33
C ALA A 304 0.18 18.00 -4.68
N LEU A 305 0.46 18.16 -5.96
CA LEU A 305 1.49 19.11 -6.44
C LEU A 305 1.30 20.56 -5.94
N GLU A 306 0.01 20.97 -5.83
CA GLU A 306 -0.34 22.33 -5.48
C GLU A 306 -0.04 22.57 -4.03
N LEU A 307 0.10 21.49 -3.27
CA LEU A 307 0.36 21.62 -1.83
C LEU A 307 1.85 21.40 -1.47
N ALA A 308 2.64 20.98 -2.45
CA ALA A 308 4.11 20.76 -2.21
C ALA A 308 4.77 22.01 -1.64
N ALA A 309 5.48 21.81 -0.54
CA ALA A 309 6.23 22.83 0.17
C ALA A 309 5.38 23.86 0.89
N THR A 310 4.06 23.64 0.99
CA THR A 310 3.16 24.56 1.70
C THR A 310 3.05 24.26 3.17
N GLY A 311 3.33 23.04 3.62
CA GLY A 311 3.11 22.71 5.03
C GLY A 311 1.65 22.30 5.31
N THR A 312 0.85 22.21 4.26
CA THR A 312 -0.56 21.90 4.44
C THR A 312 -0.87 20.44 4.05
N ALA A 313 0.10 19.76 3.42
CA ALA A 313 -0.11 18.37 3.01
C ALA A 313 -0.36 17.53 4.25
N ASP A 314 -1.34 16.64 4.21
CA ASP A 314 -1.65 15.84 5.39
C ASP A 314 -0.75 14.57 5.52
N VAL A 315 -0.03 14.45 6.62
CA VAL A 315 0.87 13.32 6.87
C VAL A 315 0.18 12.01 7.33
N GLY A 316 -1.12 12.10 7.67
CA GLY A 316 -1.90 10.99 8.22
C GLY A 316 -1.82 9.69 7.47
N SER A 317 -1.97 9.74 6.16
CA SER A 317 -1.88 8.51 5.39
C SER A 317 -0.48 7.84 5.48
N PHE A 318 0.56 8.67 5.44
CA PHE A 318 1.91 8.20 5.43
C PHE A 318 2.28 7.67 6.80
N ILE A 319 1.96 8.41 7.86
CA ILE A 319 2.21 7.95 9.21
C ILE A 319 1.55 6.56 9.45
N THR A 320 0.31 6.41 8.98
CA THR A 320 -0.46 5.20 9.18
C THR A 320 0.13 4.08 8.32
N ALA A 321 0.56 4.41 7.11
CA ALA A 321 1.21 3.43 6.26
C ALA A 321 2.49 2.84 6.92
N LEU A 322 3.30 3.71 7.44
CA LEU A 322 4.50 3.34 8.13
C LEU A 322 4.18 2.57 9.42
N ASN A 323 3.27 3.09 10.23
CA ASN A 323 2.71 2.31 11.38
C ASN A 323 2.24 0.89 11.02
N LEU A 324 1.43 0.75 10.00
CA LEU A 324 0.99 -0.59 9.62
C LEU A 324 2.18 -1.50 9.22
N ALA A 325 3.08 -0.98 8.38
CA ALA A 325 4.31 -1.70 7.95
C ALA A 325 5.07 -2.27 9.13
N ILE A 326 5.22 -1.45 10.15
CA ILE A 326 6.00 -1.81 11.32
C ILE A 326 5.31 -2.94 12.10
N LYS A 327 4.01 -2.85 12.30
CA LYS A 327 3.25 -4.01 12.87
C LYS A 327 3.36 -5.27 12.03
N MET A 328 3.34 -5.15 10.70
CA MET A 328 3.46 -6.32 9.84
C MET A 328 4.86 -6.95 9.96
N ILE A 329 5.88 -6.10 10.14
CA ILE A 329 7.22 -6.58 10.38
C ILE A 329 7.27 -7.47 11.66
N ASN A 330 6.53 -7.04 12.67
CA ASN A 330 6.54 -7.69 13.98
C ASN A 330 5.50 -8.81 14.15
N ASN A 331 4.22 -8.48 13.94
CA ASN A 331 3.16 -9.48 14.01
C ASN A 331 3.43 -10.68 13.10
N SER A 332 4.10 -10.44 11.99
CA SER A 332 4.86 -11.49 11.29
C SER A 332 5.81 -12.20 12.27
#